data_6AKW
#
_entry.id   6AKW
#
_cell.length_a   141.388
_cell.length_b   141.388
_cell.length_c   83.608
_cell.angle_alpha   90.00
_cell.angle_beta   90.00
_cell.angle_gamma   120.00
#
_symmetry.space_group_name_H-M   'H 3'
#
loop_
_entity.id
_entity.type
_entity.pdbx_description
1 polymer 'Alpha-ketoglutarate-dependent dioxygenase FTO'
2 non-polymer '2-OXOGLUTARIC ACID'
3 non-polymer '2-[[2,6-bis(chloranyl)-4-(3,5-dimethyl-1,2-oxazol-4-yl)phenyl]amino]benzoic acid'
4 water water
#
_entity_poly.entity_id   1
_entity_poly.type   'polypeptide(L)'
_entity_poly.pdbx_seq_one_letter_code
;MGSSHHHHHHSSGLVPRGSHMTPKDDEFYQQWQLKYPKLILREASSVSEELHKEVQEAFLTLHKHGCLFRDLVRIQGKDL
LTPVSRILIGNPGCTYKYLNTRLFTVPWPVKGSNIKHTEAEIAAACETFLKLNDYLQIETIQALEELAAKEKANEDAVPL
CMSADFPRVGMGSSYNGQDEVDIKSRAAYNVTLLNFMDPQKMPYLKEEPYFGMGKMAVSWHHDENLVDRSAVAVYSYSCE
GPEEESEDDSHLEGRDPDIWHVGFKISWDIETPGLAIPLHQGDCYFMLDDLNATHQHCVLAGSQPRFSSTHRVAECSTGT
LDYILQRCQLALQNVCDDVDNDDVSLKSFEPAVLKQGEEIHNEVEFEWLRQFWFQGNRYRKCTDWWCQPMAQLEALWKKM
EGVTNAVLHEVKREGLPVEQRNEILTAILASLTARQNLRREWHARCQSRIARTLPADQKPECRPYWEKDDASMPLPFDLT
DIVSELRGQLLE
;
_entity_poly.pdbx_strand_id   A
#
# COMPACT_ATOMS: atom_id res chain seq x y z
N GLY A 18 26.29 -19.26 7.10
CA GLY A 18 25.50 -19.22 5.87
C GLY A 18 26.26 -18.69 4.68
N SER A 19 25.86 -19.11 3.49
CA SER A 19 26.47 -18.69 2.24
C SER A 19 25.39 -18.55 1.18
N HIS A 20 25.78 -18.06 0.01
CA HIS A 20 24.85 -17.87 -1.09
C HIS A 20 25.47 -18.38 -2.38
N MET A 21 24.65 -18.44 -3.43
CA MET A 21 25.07 -18.99 -4.72
C MET A 21 24.64 -18.06 -5.85
N THR A 22 25.55 -17.88 -6.81
CA THR A 22 25.36 -17.07 -8.00
C THR A 22 25.65 -17.94 -9.22
N PRO A 23 25.36 -17.48 -10.45
CA PRO A 23 25.72 -18.27 -11.63
C PRO A 23 27.18 -18.71 -11.70
N LYS A 24 28.07 -18.10 -10.91
CA LYS A 24 29.45 -18.55 -10.86
C LYS A 24 29.59 -19.94 -10.24
N ASP A 25 28.59 -20.40 -9.50
CA ASP A 25 28.65 -21.67 -8.80
C ASP A 25 27.99 -22.77 -9.62
N ASP A 26 28.57 -23.97 -9.56
CA ASP A 26 28.01 -25.10 -10.31
C ASP A 26 26.68 -25.56 -9.73
N GLU A 27 26.51 -25.48 -8.40
CA GLU A 27 25.28 -25.91 -7.75
C GLU A 27 24.16 -24.89 -7.89
N PHE A 28 24.44 -23.70 -8.41
CA PHE A 28 23.43 -22.66 -8.55
C PHE A 28 22.27 -23.12 -9.42
N TYR A 29 22.57 -23.80 -10.52
CA TYR A 29 21.55 -24.09 -11.53
C TYR A 29 20.65 -25.23 -11.09
N GLN A 30 21.17 -26.22 -10.37
CA GLN A 30 20.34 -27.31 -9.90
C GLN A 30 19.55 -26.93 -8.65
N GLN A 31 20.04 -25.98 -7.86
CA GLN A 31 19.27 -25.50 -6.71
C GLN A 31 18.08 -24.67 -7.17
N TRP A 32 18.28 -23.83 -8.18
CA TRP A 32 17.17 -23.11 -8.81
C TRP A 32 16.17 -24.09 -9.40
N GLN A 33 16.66 -25.10 -10.12
CA GLN A 33 15.78 -26.08 -10.74
C GLN A 33 15.04 -26.90 -9.68
N LEU A 34 15.73 -27.30 -8.62
CA LEU A 34 15.13 -28.17 -7.61
C LEU A 34 14.23 -27.38 -6.66
N LYS A 35 14.77 -26.36 -6.01
CA LYS A 35 14.13 -25.74 -4.87
C LYS A 35 13.59 -24.33 -5.14
N TYR A 36 13.75 -23.82 -6.35
CA TYR A 36 13.06 -22.58 -6.71
C TYR A 36 12.39 -22.70 -8.08
N PRO A 37 11.58 -23.74 -8.33
CA PRO A 37 10.97 -23.87 -9.67
C PRO A 37 9.90 -22.83 -9.94
N LYS A 38 9.35 -22.21 -8.92
CA LYS A 38 8.35 -21.16 -9.08
C LYS A 38 8.96 -19.78 -9.23
N LEU A 39 10.28 -19.68 -9.30
CA LEU A 39 10.97 -18.44 -9.63
C LEU A 39 11.41 -18.52 -11.09
N ILE A 40 10.91 -17.61 -11.91
CA ILE A 40 11.19 -17.59 -13.35
C ILE A 40 11.96 -16.33 -13.69
N LEU A 41 12.97 -16.46 -14.54
CA LEU A 41 13.71 -15.34 -15.09
C LEU A 41 13.53 -15.31 -16.59
N ARG A 42 13.12 -14.16 -17.12
CA ARG A 42 13.07 -13.91 -18.56
C ARG A 42 14.02 -12.76 -18.85
N GLU A 43 15.14 -13.07 -19.49
CA GLU A 43 16.17 -12.06 -19.72
C GLU A 43 15.70 -11.06 -20.77
N ALA A 44 16.43 -9.95 -20.87
CA ALA A 44 16.02 -8.84 -21.73
C ALA A 44 15.90 -9.24 -23.19
N SER A 45 16.57 -10.32 -23.60
CA SER A 45 16.48 -10.77 -24.99
C SER A 45 15.08 -11.26 -25.35
N SER A 46 14.28 -11.65 -24.35
CA SER A 46 12.92 -12.12 -24.61
C SER A 46 11.92 -10.99 -24.74
N VAL A 47 12.33 -9.74 -24.54
CA VAL A 47 11.44 -8.59 -24.61
C VAL A 47 11.87 -7.72 -25.79
N SER A 48 10.87 -7.26 -26.55
CA SER A 48 11.15 -6.45 -27.73
C SER A 48 11.90 -5.17 -27.35
N GLU A 49 12.79 -4.73 -28.24
CA GLU A 49 13.55 -3.52 -27.98
C GLU A 49 12.70 -2.26 -28.06
N GLU A 50 11.58 -2.31 -28.80
CA GLU A 50 10.64 -1.19 -28.77
C GLU A 50 10.05 -1.02 -27.38
N LEU A 51 9.68 -2.12 -26.73
CA LEU A 51 9.11 -2.06 -25.39
C LEU A 51 10.16 -1.61 -24.38
N HIS A 52 11.42 -2.00 -24.56
CA HIS A 52 12.47 -1.60 -23.63
C HIS A 52 12.63 -0.09 -23.60
N LYS A 53 12.80 0.54 -24.77
CA LYS A 53 13.04 1.98 -24.81
C LYS A 53 11.83 2.75 -24.29
N GLU A 54 10.61 2.29 -24.61
CA GLU A 54 9.41 2.98 -24.16
C GLU A 54 9.27 2.91 -22.65
N VAL A 55 9.54 1.73 -22.07
CA VAL A 55 9.44 1.59 -20.62
C VAL A 55 10.55 2.35 -19.91
N GLN A 56 11.77 2.28 -20.45
CA GLN A 56 12.90 2.97 -19.82
C GLN A 56 12.77 4.49 -19.93
N GLU A 57 12.18 4.99 -21.03
CA GLU A 57 11.93 6.42 -21.13
C GLU A 57 10.78 6.84 -20.23
N ALA A 58 9.79 5.97 -20.04
CA ALA A 58 8.71 6.27 -19.10
C ALA A 58 9.24 6.39 -17.68
N PHE A 59 10.19 5.54 -17.31
CA PHE A 59 10.85 5.68 -16.01
C PHE A 59 11.49 7.05 -15.88
N LEU A 60 12.29 7.45 -16.87
CA LEU A 60 13.00 8.71 -16.81
C LEU A 60 12.06 9.91 -16.90
N THR A 61 10.96 9.78 -17.63
CA THR A 61 9.97 10.85 -17.69
C THR A 61 9.38 11.11 -16.32
N LEU A 62 8.99 10.05 -15.61
CA LEU A 62 8.42 10.20 -14.28
C LEU A 62 9.46 10.68 -13.27
N HIS A 63 10.72 10.28 -13.44
CA HIS A 63 11.76 10.71 -12.52
C HIS A 63 12.08 12.19 -12.71
N LYS A 64 12.08 12.67 -13.97
CA LYS A 64 12.33 14.09 -14.22
C LYS A 64 11.20 14.95 -13.66
N HIS A 65 9.95 14.51 -13.84
CA HIS A 65 8.81 15.23 -13.29
C HIS A 65 8.70 15.10 -11.78
N GLY A 66 9.58 14.34 -11.14
CA GLY A 66 9.55 14.19 -9.69
C GLY A 66 8.33 13.45 -9.17
N CYS A 67 7.90 12.39 -9.85
CA CYS A 67 6.70 11.65 -9.49
C CYS A 67 6.95 10.55 -8.47
N LEU A 68 8.20 10.18 -8.23
CA LEU A 68 8.53 9.12 -7.28
C LEU A 68 8.94 9.74 -5.94
N PHE A 69 8.40 9.19 -4.87
CA PHE A 69 8.59 9.74 -3.53
C PHE A 69 8.97 8.64 -2.56
N ARG A 70 9.87 8.97 -1.64
CA ARG A 70 10.11 8.10 -0.50
C ARG A 70 8.98 8.24 0.49
N ASP A 71 8.60 7.12 1.12
CA ASP A 71 7.51 7.12 2.07
C ASP A 71 8.03 7.19 3.49
N LEU A 72 7.27 7.87 4.35
CA LEU A 72 7.57 7.96 5.78
C LEU A 72 6.68 6.94 6.47
N VAL A 73 7.18 5.71 6.59
CA VAL A 73 6.41 4.60 7.12
C VAL A 73 6.68 4.45 8.62
N ARG A 74 5.96 3.54 9.26
CA ARG A 74 6.16 3.22 10.67
C ARG A 74 6.33 1.71 10.81
N ILE A 75 7.44 1.29 11.41
CA ILE A 75 7.76 -0.12 11.57
C ILE A 75 8.14 -0.34 13.03
N GLN A 76 7.31 -1.08 13.76
CA GLN A 76 7.57 -1.42 15.15
C GLN A 76 7.81 -0.19 16.01
N GLY A 77 6.97 0.83 15.82
CA GLY A 77 6.97 2.01 16.64
C GLY A 77 7.80 3.17 16.15
N LYS A 78 8.79 2.93 15.30
CA LYS A 78 9.69 3.98 14.84
C LYS A 78 9.34 4.43 13.42
N ASP A 79 9.49 5.73 13.18
CA ASP A 79 9.23 6.31 11.86
C ASP A 79 10.49 6.23 11.02
N LEU A 80 10.35 5.68 9.81
CA LEU A 80 11.49 5.44 8.93
C LEU A 80 11.20 6.00 7.54
N LEU A 81 12.16 6.74 7.00
CA LEU A 81 12.13 7.11 5.59
C LEU A 81 12.58 5.91 4.76
N THR A 82 11.82 5.59 3.72
CA THR A 82 12.18 4.43 2.92
C THR A 82 13.38 4.77 2.02
N PRO A 83 14.30 3.81 1.83
CA PRO A 83 15.43 4.06 0.93
C PRO A 83 15.03 4.16 -0.53
N VAL A 84 13.84 3.69 -0.89
CA VAL A 84 13.39 3.62 -2.27
C VAL A 84 12.30 4.67 -2.49
N SER A 85 12.38 5.37 -3.63
CA SER A 85 11.34 6.29 -4.06
C SER A 85 10.38 5.56 -5.00
N ARG A 86 9.08 5.74 -4.80
CA ARG A 86 8.09 4.94 -5.49
C ARG A 86 6.92 5.79 -5.98
N ILE A 87 6.14 5.19 -6.88
CA ILE A 87 4.85 5.70 -7.28
C ILE A 87 3.99 4.50 -7.65
N LEU A 88 2.71 4.53 -7.25
CA LEU A 88 1.78 3.45 -7.56
C LEU A 88 0.95 3.82 -8.77
N ILE A 89 0.96 2.95 -9.78
CA ILE A 89 0.16 3.11 -10.99
C ILE A 89 -0.69 1.86 -11.15
N GLY A 90 -1.98 2.06 -11.44
CA GLY A 90 -2.86 0.92 -11.60
C GLY A 90 -4.28 1.33 -11.90
N ASN A 91 -5.19 0.40 -11.63
CA ASN A 91 -6.60 0.61 -11.94
C ASN A 91 -7.13 1.83 -11.20
N PRO A 92 -8.02 2.61 -11.82
CA PRO A 92 -8.61 3.76 -11.12
C PRO A 92 -9.34 3.33 -9.87
N GLY A 93 -9.15 4.09 -8.80
CA GLY A 93 -9.79 3.82 -7.53
C GLY A 93 -9.13 2.75 -6.68
N CYS A 94 -8.09 2.10 -7.17
CA CYS A 94 -7.45 1.02 -6.44
C CYS A 94 -6.37 1.56 -5.51
N THR A 95 -6.12 0.85 -4.42
CA THR A 95 -5.09 1.19 -3.46
C THR A 95 -4.26 -0.04 -3.13
N TYR A 96 -3.01 0.21 -2.72
CA TYR A 96 -2.11 -0.85 -2.29
C TYR A 96 -1.43 -0.42 -1.00
N LYS A 97 -1.52 -1.27 0.02
CA LYS A 97 -1.05 -0.95 1.36
C LYS A 97 0.14 -1.83 1.72
N TYR A 98 1.25 -1.19 2.10
CA TYR A 98 2.44 -1.88 2.56
C TYR A 98 3.07 -1.07 3.68
N LEU A 99 3.52 -1.75 4.73
CA LEU A 99 4.14 -1.12 5.89
C LEU A 99 3.26 0.00 6.45
N ASN A 100 1.96 -0.28 6.55
CA ASN A 100 0.96 0.61 7.15
C ASN A 100 0.79 1.90 6.35
N THR A 101 1.23 1.93 5.10
CA THR A 101 1.06 3.09 4.23
C THR A 101 0.19 2.68 3.05
N ARG A 102 -0.94 3.35 2.88
CA ARG A 102 -1.83 3.08 1.76
C ARG A 102 -1.48 4.01 0.60
N LEU A 103 -1.04 3.42 -0.50
CA LEU A 103 -0.74 4.16 -1.72
C LEU A 103 -1.95 4.15 -2.64
N PHE A 104 -2.20 5.29 -3.29
CA PHE A 104 -3.33 5.47 -4.17
C PHE A 104 -2.86 5.51 -5.61
N THR A 105 -3.59 4.82 -6.49
CA THR A 105 -3.13 4.65 -7.86
C THR A 105 -3.17 5.97 -8.63
N VAL A 106 -2.06 6.31 -9.28
CA VAL A 106 -2.09 7.20 -10.42
C VAL A 106 -2.69 6.37 -11.55
N PRO A 107 -3.87 6.71 -12.05
CA PRO A 107 -4.62 5.77 -12.88
C PRO A 107 -3.97 5.53 -14.23
N TRP A 108 -4.10 4.28 -14.71
CA TRP A 108 -3.75 3.97 -16.09
C TRP A 108 -5.01 3.70 -16.90
N PRO A 109 -4.98 3.94 -18.30
CA PRO A 109 -6.24 3.98 -19.10
C PRO A 109 -6.84 2.61 -19.46
N VAL A 110 -7.56 2.01 -18.52
CA VAL A 110 -8.44 0.89 -18.84
C VAL A 110 -9.79 1.45 -19.26
N LYS A 111 -10.43 0.79 -20.23
CA LYS A 111 -11.60 1.35 -20.90
C LYS A 111 -12.69 1.74 -19.91
N GLY A 112 -13.42 2.80 -20.27
CA GLY A 112 -14.52 3.29 -19.45
C GLY A 112 -14.06 4.16 -18.30
N GLU A 119 0.82 17.25 -17.63
CA GLU A 119 0.28 15.97 -17.20
C GLU A 119 0.23 14.99 -18.37
N ALA A 120 0.35 15.53 -19.59
CA ALA A 120 0.25 14.69 -20.78
C ALA A 120 1.40 13.70 -20.87
N GLU A 121 2.60 14.11 -20.47
CA GLU A 121 3.73 13.19 -20.44
C GLU A 121 3.50 12.08 -19.40
N ILE A 122 3.02 12.47 -18.22
CA ILE A 122 2.80 11.50 -17.15
C ILE A 122 1.70 10.51 -17.54
N ALA A 123 0.66 10.99 -18.23
CA ALA A 123 -0.38 10.10 -18.70
C ALA A 123 0.14 9.11 -19.74
N ALA A 124 1.12 9.52 -20.55
CA ALA A 124 1.70 8.60 -21.52
C ALA A 124 2.56 7.55 -20.84
N ALA A 125 3.26 7.92 -19.77
CA ALA A 125 4.04 6.96 -19.01
C ALA A 125 3.13 5.93 -18.35
N CYS A 126 1.99 6.37 -17.81
CA CYS A 126 1.03 5.43 -17.25
C CYS A 126 0.45 4.51 -18.31
N GLU A 127 0.26 5.01 -19.53
CA GLU A 127 -0.15 4.15 -20.63
C GLU A 127 0.94 3.16 -21.00
N THR A 128 2.21 3.58 -20.90
CA THR A 128 3.32 2.69 -21.18
C THR A 128 3.35 1.52 -20.22
N PHE A 129 3.29 1.80 -18.91
CA PHE A 129 3.29 0.73 -17.92
C PHE A 129 1.99 -0.05 -17.93
N LEU A 130 0.93 0.48 -18.53
CA LEU A 130 -0.24 -0.34 -18.81
C LEU A 130 0.07 -1.37 -19.91
N LYS A 131 0.85 -0.97 -20.91
CA LYS A 131 1.25 -1.90 -21.96
C LYS A 131 2.18 -2.97 -21.41
N LEU A 132 3.16 -2.57 -20.60
CA LEU A 132 4.03 -3.54 -19.94
C LEU A 132 3.23 -4.50 -19.08
N ASN A 133 2.16 -4.00 -18.44
CA ASN A 133 1.33 -4.86 -17.61
C ASN A 133 0.63 -5.92 -18.47
N ASP A 134 0.14 -5.54 -19.65
CA ASP A 134 -0.47 -6.52 -20.55
C ASP A 134 0.55 -7.57 -20.97
N TYR A 135 1.77 -7.14 -21.31
CA TYR A 135 2.81 -8.08 -21.71
C TYR A 135 3.14 -9.05 -20.57
N LEU A 136 3.47 -8.50 -19.40
CA LEU A 136 3.86 -9.35 -18.27
C LEU A 136 2.73 -10.26 -17.83
N GLN A 137 1.47 -9.83 -18.00
CA GLN A 137 0.35 -10.69 -17.66
C GLN A 137 0.31 -11.92 -18.56
N ILE A 138 0.62 -11.73 -19.86
CA ILE A 138 0.63 -12.85 -20.79
C ILE A 138 1.78 -13.81 -20.46
N GLU A 139 2.96 -13.26 -20.19
CA GLU A 139 4.10 -14.08 -19.81
C GLU A 139 3.81 -14.88 -18.54
N THR A 140 3.08 -14.28 -17.60
CA THR A 140 2.76 -14.97 -16.35
C THR A 140 1.79 -16.12 -16.59
N ILE A 141 0.75 -15.88 -17.39
CA ILE A 141 -0.22 -16.94 -17.71
C ILE A 141 0.49 -18.13 -18.37
N GLN A 142 1.41 -17.84 -19.30
CA GLN A 142 2.15 -18.91 -19.97
C GLN A 142 3.05 -19.66 -19.00
N ALA A 143 3.78 -18.92 -18.16
CA ALA A 143 4.66 -19.55 -17.19
C ALA A 143 3.87 -20.39 -16.19
N LEU A 144 2.68 -19.94 -15.80
CA LEU A 144 1.84 -20.73 -14.91
C LEU A 144 1.27 -21.95 -15.60
N GLU A 145 0.95 -21.83 -16.90
CA GLU A 145 0.47 -22.99 -17.65
C GLU A 145 1.57 -24.04 -17.82
N GLU A 146 2.79 -23.59 -18.15
CA GLU A 146 3.92 -24.51 -18.23
C GLU A 146 4.27 -25.08 -16.86
N LEU A 147 4.01 -24.33 -15.79
CA LEU A 147 4.28 -24.84 -14.44
C LEU A 147 3.34 -25.97 -14.09
N ALA A 148 2.04 -25.78 -14.35
CA ALA A 148 1.07 -26.81 -13.99
C ALA A 148 1.29 -28.09 -14.79
N ALA A 149 1.75 -27.97 -16.04
CA ALA A 149 1.98 -29.16 -16.86
C ALA A 149 3.13 -30.00 -16.30
N LYS A 150 4.16 -29.34 -15.78
CA LYS A 150 5.28 -30.08 -15.20
C LYS A 150 4.87 -30.80 -13.92
N GLU A 151 3.97 -30.19 -13.13
CA GLU A 151 3.51 -30.82 -11.90
C GLU A 151 2.46 -31.89 -12.15
N LYS A 152 1.74 -31.81 -13.27
CA LYS A 152 0.82 -32.88 -13.64
C LYS A 152 1.58 -34.16 -14.01
N ALA A 153 2.59 -34.02 -14.87
CA ALA A 153 3.43 -35.15 -15.27
C ALA A 153 4.48 -35.45 -14.20
N GLN A 178 -12.07 -24.52 -14.46
CA GLN A 178 -11.71 -25.19 -13.22
C GLN A 178 -10.51 -24.51 -12.56
N ASP A 179 -9.32 -24.74 -13.13
CA ASP A 179 -8.11 -24.12 -12.65
C ASP A 179 -7.52 -23.09 -13.61
N GLU A 180 -7.96 -23.07 -14.86
CA GLU A 180 -7.61 -21.97 -15.76
C GLU A 180 -8.24 -20.66 -15.29
N VAL A 181 -9.27 -20.72 -14.46
CA VAL A 181 -9.79 -19.52 -13.81
C VAL A 181 -8.82 -19.00 -12.77
N ASP A 182 -8.24 -19.92 -11.97
CA ASP A 182 -7.27 -19.51 -10.96
C ASP A 182 -6.04 -18.88 -11.58
N ILE A 183 -5.57 -19.44 -12.70
CA ILE A 183 -4.36 -18.93 -13.33
C ILE A 183 -4.57 -17.52 -13.85
N LYS A 184 -5.73 -17.26 -14.46
CA LYS A 184 -6.01 -15.93 -14.99
C LYS A 184 -6.15 -14.91 -13.86
N SER A 185 -6.79 -15.30 -12.76
CA SER A 185 -6.97 -14.36 -11.64
C SER A 185 -5.67 -14.09 -10.92
N ARG A 186 -4.81 -15.11 -10.77
CA ARG A 186 -3.54 -14.93 -10.11
C ARG A 186 -2.53 -14.15 -10.96
N ALA A 187 -2.85 -13.87 -12.22
CA ALA A 187 -2.02 -13.05 -13.08
C ALA A 187 -2.70 -11.73 -13.46
N ALA A 188 -3.92 -11.50 -12.99
CA ALA A 188 -4.68 -10.29 -13.34
C ALA A 188 -4.15 -9.13 -12.49
N TYR A 189 -2.98 -8.63 -12.88
CA TYR A 189 -2.37 -7.52 -12.17
C TYR A 189 -3.23 -6.27 -12.27
N ASN A 190 -3.50 -5.65 -11.12
CA ASN A 190 -4.28 -4.43 -11.08
C ASN A 190 -3.46 -3.18 -10.78
N VAL A 191 -2.25 -3.35 -10.23
CA VAL A 191 -1.35 -2.23 -9.94
C VAL A 191 0.07 -2.63 -10.29
N THR A 192 0.93 -1.62 -10.41
CA THR A 192 2.37 -1.81 -10.42
C THR A 192 3.00 -0.75 -9.51
N LEU A 193 3.95 -1.17 -8.70
CA LEU A 193 4.68 -0.28 -7.81
C LEU A 193 6.03 0.00 -8.43
N LEU A 194 6.21 1.19 -8.98
CA LEU A 194 7.47 1.60 -9.55
C LEU A 194 8.45 1.99 -8.46
N ASN A 195 9.75 1.71 -8.69
CA ASN A 195 10.75 1.90 -7.66
C ASN A 195 11.99 2.55 -8.26
N PHE A 196 12.74 3.23 -7.38
CA PHE A 196 14.00 3.85 -7.78
C PHE A 196 14.87 4.04 -6.55
N MET A 197 16.15 3.73 -6.68
CA MET A 197 17.11 4.04 -5.63
C MET A 197 18.46 4.37 -6.26
N ASP A 198 19.10 5.41 -5.72
CA ASP A 198 20.47 5.76 -6.08
C ASP A 198 21.38 5.32 -4.94
N PRO A 199 22.20 4.29 -5.11
CA PRO A 199 23.00 3.79 -3.98
C PRO A 199 24.10 4.74 -3.54
N GLN A 200 24.55 5.64 -4.41
CA GLN A 200 25.58 6.60 -4.01
C GLN A 200 25.07 7.64 -3.03
N LYS A 201 23.74 7.87 -2.99
CA LYS A 201 23.19 8.86 -2.09
C LYS A 201 23.17 8.39 -0.64
N MET A 202 23.31 7.09 -0.39
CA MET A 202 23.30 6.58 0.98
C MET A 202 24.71 6.63 1.56
N PRO A 203 24.89 7.21 2.75
CA PRO A 203 26.23 7.24 3.36
C PRO A 203 26.73 5.87 3.77
N TYR A 204 25.84 4.92 4.02
CA TYR A 204 26.21 3.59 4.46
C TYR A 204 25.05 2.62 4.24
N LEU A 205 25.28 1.58 3.44
CA LEU A 205 24.25 0.59 3.13
C LEU A 205 24.35 -0.60 4.08
N LYS A 206 23.23 -1.21 4.34
CA LYS A 206 23.17 -2.34 5.22
C LYS A 206 23.79 -3.59 4.60
N GLU A 207 24.52 -4.34 5.38
CA GLU A 207 25.04 -5.62 4.91
C GLU A 207 23.95 -6.67 4.96
N GLU A 208 23.89 -7.49 3.92
CA GLU A 208 23.03 -8.67 3.97
C GLU A 208 23.52 -9.58 5.09
N PRO A 209 22.69 -9.88 6.09
CA PRO A 209 23.19 -10.43 7.35
C PRO A 209 23.30 -11.94 7.44
N TYR A 210 22.86 -12.71 6.43
CA TYR A 210 22.78 -14.15 6.58
C TYR A 210 23.67 -14.95 5.63
N PHE A 211 23.86 -14.49 4.39
CA PHE A 211 24.56 -15.28 3.39
C PHE A 211 25.76 -14.57 2.79
N GLY A 212 26.15 -13.42 3.33
CA GLY A 212 27.27 -12.68 2.77
C GLY A 212 27.03 -12.12 1.39
N MET A 213 25.78 -11.71 1.09
CA MET A 213 25.43 -11.20 -0.22
C MET A 213 25.84 -9.75 -0.43
N GLY A 214 26.43 -9.10 0.57
CA GLY A 214 26.88 -7.73 0.39
C GLY A 214 25.79 -6.72 0.68
N LYS A 215 25.93 -5.55 0.05
CA LYS A 215 25.05 -4.42 0.35
C LYS A 215 23.63 -4.69 -0.12
N MET A 216 22.66 -4.33 0.73
CA MET A 216 21.24 -4.47 0.43
C MET A 216 20.63 -3.10 0.14
N ALA A 217 19.85 -3.03 -0.94
CA ALA A 217 19.01 -1.86 -1.15
C ALA A 217 17.69 -2.01 -0.42
N VAL A 218 17.09 -3.20 -0.48
CA VAL A 218 15.88 -3.53 0.25
C VAL A 218 16.12 -4.84 0.98
N SER A 219 15.81 -4.88 2.27
CA SER A 219 16.09 -6.05 3.10
C SER A 219 15.07 -7.16 2.83
N TRP A 220 15.29 -8.30 3.50
CA TRP A 220 14.43 -9.46 3.30
C TRP A 220 13.00 -9.17 3.72
N HIS A 221 12.05 -9.59 2.88
CA HIS A 221 10.64 -9.35 3.15
C HIS A 221 9.81 -10.18 2.17
N HIS A 222 8.52 -10.25 2.46
CA HIS A 222 7.50 -10.68 1.51
C HIS A 222 6.78 -9.45 0.96
N ASP A 223 6.18 -9.62 -0.22
CA ASP A 223 5.30 -8.59 -0.76
C ASP A 223 3.93 -8.73 -0.11
N GLU A 224 3.52 -7.71 0.64
CA GLU A 224 2.33 -7.79 1.47
C GLU A 224 1.06 -7.51 0.65
N ASN A 225 -0.08 -7.85 1.25
CA ASN A 225 -1.41 -7.49 0.75
C ASN A 225 -1.54 -7.86 -0.73
N LEU A 226 -1.23 -9.12 -1.04
CA LEU A 226 -1.48 -9.65 -2.36
C LEU A 226 -2.54 -10.73 -2.27
N VAL A 227 -3.29 -10.92 -3.36
CA VAL A 227 -4.22 -12.03 -3.41
C VAL A 227 -3.46 -13.32 -3.19
N ASP A 228 -4.07 -14.23 -2.43
CA ASP A 228 -3.42 -15.50 -2.10
C ASP A 228 -2.94 -16.21 -3.36
N ARG A 229 -1.67 -16.61 -3.34
CA ARG A 229 -1.02 -17.36 -4.43
C ARG A 229 -0.98 -16.57 -5.74
N SER A 230 -1.19 -15.26 -5.70
CA SER A 230 -1.07 -14.46 -6.90
C SER A 230 0.41 -14.27 -7.26
N ALA A 231 0.66 -14.13 -8.56
CA ALA A 231 2.03 -14.00 -9.04
C ALA A 231 2.48 -12.54 -8.99
N VAL A 232 3.79 -12.35 -9.10
CA VAL A 232 4.40 -11.01 -9.14
C VAL A 232 5.40 -10.98 -10.29
N ALA A 233 5.28 -9.98 -11.15
CA ALA A 233 6.17 -9.80 -12.28
C ALA A 233 6.93 -8.50 -12.11
N VAL A 234 8.24 -8.54 -12.31
CA VAL A 234 9.11 -7.38 -12.10
C VAL A 234 9.90 -7.13 -13.38
N TYR A 235 9.89 -5.87 -13.83
CA TYR A 235 10.78 -5.41 -14.89
C TYR A 235 11.91 -4.64 -14.23
N SER A 236 13.14 -5.14 -14.37
CA SER A 236 14.30 -4.54 -13.74
C SER A 236 15.05 -3.67 -14.74
N TYR A 237 15.32 -2.42 -14.37
CA TYR A 237 15.98 -1.44 -15.23
C TYR A 237 17.18 -0.86 -14.49
N SER A 238 18.32 -1.53 -14.60
CA SER A 238 19.57 -0.97 -14.13
C SER A 238 20.05 0.10 -15.11
N CYS A 239 20.37 1.28 -14.59
CA CYS A 239 20.77 2.38 -15.46
C CYS A 239 22.09 2.08 -16.16
N GLU A 240 23.02 1.44 -15.46
CA GLU A 240 24.30 1.04 -16.04
C GLU A 240 24.69 -0.36 -15.61
N LEU A 252 35.08 -12.23 -7.87
CA LEU A 252 35.54 -13.62 -7.91
C LEU A 252 35.06 -14.40 -6.70
N GLU A 253 35.20 -13.80 -5.52
CA GLU A 253 34.87 -14.49 -4.28
C GLU A 253 33.37 -14.78 -4.19
N GLY A 254 32.53 -13.78 -4.47
CA GLY A 254 31.10 -13.93 -4.37
C GLY A 254 30.34 -13.23 -5.47
N ARG A 255 29.23 -12.60 -5.12
CA ARG A 255 28.42 -11.89 -6.09
C ARG A 255 29.06 -10.56 -6.45
N ASP A 256 28.93 -10.18 -7.72
CA ASP A 256 29.50 -8.93 -8.22
C ASP A 256 28.86 -7.75 -7.50
N PRO A 257 29.64 -6.96 -6.75
CA PRO A 257 29.03 -5.85 -5.99
C PRO A 257 28.46 -4.75 -6.87
N ASP A 258 28.89 -4.64 -8.12
CA ASP A 258 28.45 -3.56 -9.00
C ASP A 258 27.15 -3.88 -9.74
N ILE A 259 26.74 -5.14 -9.76
CA ILE A 259 25.53 -5.56 -10.47
C ILE A 259 24.40 -5.73 -9.48
N TRP A 260 23.21 -5.27 -9.87
CA TRP A 260 22.03 -5.45 -9.01
C TRP A 260 21.57 -6.89 -9.04
N HIS A 261 21.21 -7.40 -7.87
CA HIS A 261 20.69 -8.75 -7.72
C HIS A 261 19.38 -8.72 -6.96
N VAL A 262 18.56 -9.74 -7.19
CA VAL A 262 17.44 -10.06 -6.31
C VAL A 262 17.82 -11.32 -5.55
N GLY A 263 17.80 -11.24 -4.23
CA GLY A 263 18.14 -12.37 -3.40
C GLY A 263 16.90 -13.16 -3.01
N PHE A 264 17.08 -14.46 -2.78
CA PHE A 264 15.97 -15.31 -2.39
C PHE A 264 16.42 -16.26 -1.28
N LYS A 265 15.55 -16.45 -0.30
CA LYS A 265 15.78 -17.38 0.79
C LYS A 265 14.46 -18.02 1.17
N ILE A 266 14.55 -19.17 1.82
CA ILE A 266 13.38 -19.81 2.39
C ILE A 266 13.05 -19.16 3.72
N SER A 267 11.76 -18.96 3.98
CA SER A 267 11.35 -18.39 5.26
C SER A 267 11.85 -19.25 6.41
N TRP A 268 12.29 -18.58 7.48
CA TRP A 268 12.82 -19.17 8.70
C TRP A 268 14.17 -19.87 8.49
N ASP A 269 14.72 -19.87 7.28
CA ASP A 269 15.85 -20.72 6.92
C ASP A 269 17.03 -19.85 6.52
N ILE A 270 18.08 -19.85 7.34
CA ILE A 270 19.36 -19.25 6.97
C ILE A 270 20.44 -20.31 6.83
N GLU A 271 20.08 -21.59 6.90
CA GLU A 271 21.02 -22.68 6.64
C GLU A 271 21.09 -23.03 5.16
N THR A 272 19.93 -23.20 4.53
CA THR A 272 19.88 -23.42 3.10
C THR A 272 20.45 -22.20 2.39
N PRO A 273 21.51 -22.35 1.59
CA PRO A 273 22.11 -21.18 0.95
C PRO A 273 21.13 -20.48 0.02
N GLY A 274 21.13 -19.16 0.08
CA GLY A 274 20.22 -18.39 -0.73
C GLY A 274 20.73 -18.15 -2.14
N LEU A 275 19.81 -17.76 -3.02
CA LEU A 275 20.14 -17.43 -4.39
C LEU A 275 20.28 -15.92 -4.55
N ALA A 276 21.31 -15.50 -5.28
CA ALA A 276 21.50 -14.11 -5.69
C ALA A 276 21.44 -14.09 -7.21
N ILE A 277 20.32 -13.63 -7.76
CA ILE A 277 20.08 -13.66 -9.20
C ILE A 277 20.57 -12.32 -9.77
N PRO A 278 21.60 -12.31 -10.61
CA PRO A 278 22.01 -11.05 -11.24
C PRO A 278 20.92 -10.52 -12.17
N LEU A 279 20.69 -9.22 -12.08
CA LEU A 279 19.66 -8.54 -12.88
C LEU A 279 20.34 -7.50 -13.76
N HIS A 280 20.35 -7.75 -15.07
CA HIS A 280 20.88 -6.80 -16.02
C HIS A 280 19.75 -5.91 -16.54
N GLN A 281 20.13 -4.89 -17.30
CA GLN A 281 19.17 -3.93 -17.82
C GLN A 281 18.14 -4.61 -18.71
N GLY A 282 16.87 -4.55 -18.31
CA GLY A 282 15.80 -5.13 -19.08
C GLY A 282 15.40 -6.53 -18.69
N ASP A 283 16.06 -7.13 -17.70
CA ASP A 283 15.68 -8.46 -17.25
C ASP A 283 14.37 -8.41 -16.48
N CYS A 284 13.61 -9.50 -16.58
CA CYS A 284 12.36 -9.66 -15.86
C CYS A 284 12.39 -10.95 -15.06
N TYR A 285 11.92 -10.89 -13.81
CA TYR A 285 11.75 -12.10 -13.01
C TYR A 285 10.34 -12.17 -12.47
N PHE A 286 9.89 -13.40 -12.23
CA PHE A 286 8.49 -13.69 -11.90
C PHE A 286 8.45 -14.59 -10.68
N MET A 287 7.65 -14.19 -9.68
CA MET A 287 7.40 -15.02 -8.49
CA MET A 287 7.40 -15.02 -8.49
C MET A 287 6.03 -15.66 -8.67
N LEU A 288 6.02 -16.97 -8.87
CA LEU A 288 4.78 -17.68 -9.20
C LEU A 288 4.21 -18.39 -7.99
N ASP A 289 2.88 -18.40 -7.91
CA ASP A 289 2.11 -19.24 -6.99
C ASP A 289 2.46 -18.84 -5.55
N ASP A 290 2.89 -19.76 -4.69
CA ASP A 290 3.14 -19.49 -3.29
C ASP A 290 4.60 -19.13 -3.01
N LEU A 291 5.38 -18.81 -4.04
CA LEU A 291 6.78 -18.47 -3.82
C LEU A 291 6.94 -17.25 -2.93
N ASN A 292 6.10 -16.22 -3.14
CA ASN A 292 6.21 -15.00 -2.36
C ASN A 292 5.89 -15.25 -0.89
N ALA A 293 5.10 -16.26 -0.59
CA ALA A 293 4.75 -16.56 0.80
C ALA A 293 5.75 -17.51 1.46
N THR A 294 6.19 -18.54 0.75
CA THR A 294 7.13 -19.51 1.32
C THR A 294 8.56 -19.00 1.33
N HIS A 295 8.86 -17.96 0.55
CA HIS A 295 10.23 -17.46 0.44
C HIS A 295 10.25 -15.96 0.70
N GLN A 296 11.42 -15.48 1.14
CA GLN A 296 11.69 -14.07 1.26
C GLN A 296 12.60 -13.63 0.12
N HIS A 297 12.54 -12.34 -0.22
CA HIS A 297 13.42 -11.80 -1.23
C HIS A 297 13.93 -10.45 -0.77
N CYS A 298 15.09 -10.08 -1.30
CA CYS A 298 15.70 -8.78 -1.04
C CYS A 298 16.23 -8.24 -2.35
N VAL A 299 16.76 -7.02 -2.32
CA VAL A 299 17.40 -6.40 -3.48
C VAL A 299 18.83 -6.06 -3.10
N LEU A 300 19.78 -6.64 -3.81
CA LEU A 300 21.19 -6.38 -3.59
C LEU A 300 21.63 -5.23 -4.49
N ALA A 301 22.20 -4.19 -3.89
CA ALA A 301 22.49 -2.95 -4.61
C ALA A 301 23.72 -3.11 -5.50
N GLY A 302 23.65 -2.47 -6.67
CA GLY A 302 24.78 -2.35 -7.55
C GLY A 302 25.49 -1.02 -7.39
N SER A 303 26.26 -0.66 -8.41
CA SER A 303 27.04 0.58 -8.33
C SER A 303 26.21 1.79 -8.77
N GLN A 304 25.34 1.61 -9.75
CA GLN A 304 24.56 2.67 -10.36
C GLN A 304 23.09 2.58 -9.97
N PRO A 305 22.31 3.64 -10.21
CA PRO A 305 20.89 3.60 -9.86
C PRO A 305 20.12 2.56 -10.69
N ARG A 306 18.93 2.24 -10.20
CA ARG A 306 18.10 1.21 -10.82
C ARG A 306 16.63 1.54 -10.63
N PHE A 307 15.86 1.39 -11.69
CA PHE A 307 14.41 1.42 -11.65
C PHE A 307 13.86 -0.01 -11.65
N SER A 308 12.61 -0.14 -11.23
CA SER A 308 11.93 -1.43 -11.32
C SER A 308 10.41 -1.19 -11.31
N SER A 309 9.69 -2.00 -12.08
CA SER A 309 8.24 -1.98 -12.13
C SER A 309 7.73 -3.33 -11.65
N THR A 310 7.11 -3.34 -10.47
CA THR A 310 6.69 -4.57 -9.81
C THR A 310 5.17 -4.67 -9.89
N HIS A 311 4.68 -5.57 -10.74
CA HIS A 311 3.26 -5.70 -11.01
C HIS A 311 2.65 -6.76 -10.10
N ARG A 312 1.53 -6.41 -9.46
CA ARG A 312 0.95 -7.21 -8.40
C ARG A 312 -0.56 -7.34 -8.61
N VAL A 313 -1.12 -8.36 -7.99
CA VAL A 313 -2.57 -8.50 -7.86
C VAL A 313 -2.88 -8.10 -6.42
N ALA A 314 -3.09 -6.81 -6.22
CA ALA A 314 -3.33 -6.29 -4.88
C ALA A 314 -4.67 -6.79 -4.33
N GLU A 315 -4.65 -7.26 -3.08
CA GLU A 315 -5.88 -7.65 -2.39
C GLU A 315 -6.61 -6.37 -1.99
N CYS A 316 -7.63 -6.00 -2.75
CA CYS A 316 -8.30 -4.72 -2.60
C CYS A 316 -9.78 -4.88 -2.22
N SER A 317 -10.12 -5.96 -1.51
CA SER A 317 -11.51 -6.18 -1.14
C SER A 317 -12.02 -5.06 -0.24
N THR A 318 -11.14 -4.45 0.55
CA THR A 318 -11.48 -3.27 1.35
C THR A 318 -10.60 -2.08 0.98
N GLY A 319 -10.16 -2.02 -0.28
CA GLY A 319 -9.19 -1.02 -0.67
C GLY A 319 -9.44 -0.33 -1.99
N THR A 320 -10.70 -0.22 -2.40
CA THR A 320 -11.06 0.56 -3.58
C THR A 320 -11.99 1.70 -3.19
N LEU A 321 -12.00 2.74 -4.02
CA LEU A 321 -12.89 3.88 -3.77
C LEU A 321 -14.35 3.45 -3.76
N ASP A 322 -14.73 2.56 -4.68
CA ASP A 322 -16.11 2.08 -4.71
C ASP A 322 -16.48 1.38 -3.41
N TYR A 323 -15.54 0.61 -2.83
CA TYR A 323 -15.83 -0.08 -1.58
C TYR A 323 -16.09 0.91 -0.45
N ILE A 324 -15.20 1.89 -0.28
CA ILE A 324 -15.31 2.78 0.87
C ILE A 324 -16.47 3.74 0.71
N LEU A 325 -16.78 4.16 -0.52
CA LEU A 325 -18.00 4.95 -0.75
C LEU A 325 -19.24 4.14 -0.37
N GLN A 326 -19.25 2.85 -0.72
CA GLN A 326 -20.36 1.99 -0.35
C GLN A 326 -20.46 1.85 1.17
N ARG A 327 -19.30 1.79 1.85
CA ARG A 327 -19.30 1.76 3.30
C ARG A 327 -19.88 3.04 3.88
N CYS A 328 -19.56 4.19 3.26
CA CYS A 328 -20.06 5.46 3.76
C CYS A 328 -21.56 5.57 3.56
N GLN A 329 -22.08 5.11 2.43
CA GLN A 329 -23.52 5.12 2.22
C GLN A 329 -24.23 4.20 3.21
N LEU A 330 -23.60 3.06 3.54
CA LEU A 330 -24.19 2.15 4.52
C LEU A 330 -24.31 2.81 5.89
N ALA A 331 -23.30 3.60 6.28
CA ALA A 331 -23.36 4.28 7.57
C ALA A 331 -24.41 5.38 7.57
N LEU A 332 -24.54 6.10 6.46
CA LEU A 332 -25.49 7.21 6.37
C LEU A 332 -26.92 6.76 6.12
N GLN A 333 -27.17 5.45 5.98
CA GLN A 333 -28.54 4.96 5.90
C GLN A 333 -29.27 5.13 7.22
N ASN A 334 -28.54 5.30 8.33
CA ASN A 334 -29.13 5.56 9.63
C ASN A 334 -29.38 7.05 9.87
N VAL A 335 -29.30 7.87 8.83
CA VAL A 335 -29.43 9.32 8.94
C VAL A 335 -30.55 9.78 8.02
N CYS A 336 -31.41 10.67 8.53
CA CYS A 336 -32.41 11.31 7.68
CA CYS A 336 -32.41 11.32 7.69
C CYS A 336 -31.70 12.22 6.68
N ASP A 337 -31.77 11.85 5.40
CA ASP A 337 -30.97 12.48 4.35
C ASP A 337 -31.78 13.43 3.48
N ASP A 338 -32.79 14.11 4.04
CA ASP A 338 -33.52 15.09 3.26
C ASP A 338 -32.63 16.25 2.86
N VAL A 339 -31.83 16.75 3.81
CA VAL A 339 -31.06 17.98 3.60
C VAL A 339 -29.75 17.84 4.36
N ASP A 340 -28.70 18.47 3.80
CA ASP A 340 -27.36 18.47 4.40
C ASP A 340 -27.21 19.73 5.25
N ASN A 341 -27.58 19.61 6.53
CA ASN A 341 -27.35 20.69 7.48
C ASN A 341 -26.73 20.14 8.76
N ASP A 342 -26.67 20.96 9.81
CA ASP A 342 -26.08 20.54 11.06
C ASP A 342 -27.05 19.75 11.94
N ASP A 343 -28.33 19.72 11.61
CA ASP A 343 -29.33 18.98 12.38
C ASP A 343 -29.33 17.54 11.89
N VAL A 344 -28.45 16.72 12.46
CA VAL A 344 -28.34 15.31 12.11
C VAL A 344 -29.25 14.53 13.04
N SER A 345 -30.20 13.79 12.45
CA SER A 345 -31.17 13.00 13.20
C SER A 345 -31.10 11.55 12.73
N LEU A 346 -30.92 10.64 13.66
CA LEU A 346 -30.74 9.22 13.36
C LEU A 346 -32.07 8.49 13.39
N LYS A 347 -32.18 7.47 12.52
CA LYS A 347 -33.40 6.67 12.47
C LYS A 347 -33.46 5.64 13.58
N SER A 348 -32.32 5.02 13.90
CA SER A 348 -32.27 3.95 14.88
C SER A 348 -31.10 4.17 15.83
N PHE A 349 -31.30 3.73 17.08
CA PHE A 349 -30.23 3.70 18.07
C PHE A 349 -29.94 2.28 18.54
N GLU A 350 -30.27 1.29 17.72
CA GLU A 350 -29.95 -0.10 18.04
C GLU A 350 -28.44 -0.25 18.10
N PRO A 351 -27.90 -0.90 19.12
CA PRO A 351 -26.43 -0.91 19.32
C PRO A 351 -25.64 -1.38 18.11
N ALA A 352 -26.11 -2.41 17.40
CA ALA A 352 -25.36 -2.91 16.26
C ALA A 352 -25.29 -1.87 15.14
N VAL A 353 -26.33 -1.05 14.98
CA VAL A 353 -26.32 -0.04 13.94
C VAL A 353 -25.37 1.10 14.29
N LEU A 354 -25.31 1.47 15.58
CA LEU A 354 -24.42 2.54 16.00
C LEU A 354 -22.96 2.08 16.01
N LYS A 355 -22.73 0.83 16.42
CA LYS A 355 -21.38 0.26 16.37
C LYS A 355 -20.85 0.26 14.95
N GLN A 356 -21.66 -0.24 14.00
CA GLN A 356 -21.27 -0.23 12.60
C GLN A 356 -21.04 1.19 12.09
N GLY A 357 -21.84 2.14 12.55
CA GLY A 357 -21.68 3.51 12.11
C GLY A 357 -20.37 4.13 12.55
N GLU A 358 -19.98 3.90 13.81
CA GLU A 358 -18.72 4.47 14.30
C GLU A 358 -17.52 3.71 13.77
N GLU A 359 -17.68 2.43 13.44
CA GLU A 359 -16.58 1.68 12.84
C GLU A 359 -16.31 2.17 11.41
N ILE A 360 -17.36 2.41 10.63
CA ILE A 360 -17.19 2.99 9.30
C ILE A 360 -16.62 4.39 9.41
N HIS A 361 -17.04 5.14 10.44
CA HIS A 361 -16.48 6.45 10.71
C HIS A 361 -14.97 6.39 10.84
N ASN A 362 -14.46 5.42 11.61
CA ASN A 362 -13.03 5.27 11.78
C ASN A 362 -12.36 4.84 10.48
N GLU A 363 -13.02 3.95 9.72
CA GLU A 363 -12.41 3.40 8.52
C GLU A 363 -12.14 4.49 7.49
N VAL A 364 -13.14 5.33 7.22
CA VAL A 364 -12.96 6.38 6.22
C VAL A 364 -11.98 7.44 6.72
N GLU A 365 -11.90 7.67 8.03
CA GLU A 365 -11.02 8.70 8.54
C GLU A 365 -9.55 8.27 8.51
N PHE A 366 -9.26 7.09 9.06
CA PHE A 366 -7.86 6.70 9.25
C PHE A 366 -7.30 5.90 8.08
N GLU A 367 -8.09 5.00 7.48
CA GLU A 367 -7.60 4.21 6.37
C GLU A 367 -7.62 4.97 5.05
N TRP A 368 -8.31 6.11 4.99
CA TRP A 368 -8.43 6.81 3.72
C TRP A 368 -8.06 8.29 3.84
N LEU A 369 -8.74 9.03 4.71
CA LEU A 369 -8.48 10.46 4.80
C LEU A 369 -7.07 10.75 5.29
N ARG A 370 -6.71 10.22 6.46
CA ARG A 370 -5.41 10.55 7.04
C ARG A 370 -4.26 9.86 6.32
N GLN A 371 -4.50 8.68 5.74
CA GLN A 371 -3.49 8.05 4.91
C GLN A 371 -3.17 8.91 3.69
N PHE A 372 -4.20 9.48 3.07
CA PHE A 372 -4.01 10.25 1.84
C PHE A 372 -3.27 11.56 2.13
N TRP A 373 -3.74 12.33 3.12
CA TRP A 373 -3.14 13.63 3.39
C TRP A 373 -1.83 13.54 4.15
N PHE A 374 -1.48 12.37 4.69
CA PHE A 374 -0.14 12.18 5.21
C PHE A 374 0.91 12.27 4.11
N GLN A 375 0.51 12.07 2.85
CA GLN A 375 1.41 12.17 1.72
C GLN A 375 1.44 13.57 1.13
N GLY A 376 0.76 14.54 1.75
CA GLY A 376 0.92 15.95 1.44
C GLY A 376 0.67 16.39 0.02
N ASN A 377 -0.43 15.91 -0.58
CA ASN A 377 -0.84 16.33 -1.92
C ASN A 377 0.26 16.10 -2.95
N ARG A 378 1.02 15.02 -2.77
CA ARG A 378 2.03 14.65 -3.75
C ARG A 378 1.41 13.92 -4.95
N TYR A 379 0.22 13.35 -4.78
CA TYR A 379 -0.51 12.81 -5.93
C TYR A 379 -0.92 13.92 -6.89
N ARG A 380 -1.09 15.14 -6.39
CA ARG A 380 -1.46 16.26 -7.24
C ARG A 380 -0.37 16.56 -8.27
N LYS A 381 0.89 16.28 -7.95
CA LYS A 381 1.97 16.46 -8.92
C LYS A 381 1.81 15.51 -10.10
N CYS A 382 1.14 14.38 -9.89
CA CYS A 382 0.92 13.39 -10.94
C CYS A 382 -0.48 13.47 -11.54
N THR A 383 -1.51 13.49 -10.72
CA THR A 383 -2.88 13.44 -11.21
C THR A 383 -3.80 14.22 -10.28
N ASP A 384 -4.97 14.56 -10.79
CA ASP A 384 -6.05 15.14 -10.00
C ASP A 384 -7.17 14.15 -9.73
N TRP A 385 -6.91 12.86 -9.98
CA TRP A 385 -7.98 11.87 -9.96
C TRP A 385 -8.63 11.76 -8.58
N TRP A 386 -7.84 11.89 -7.53
CA TRP A 386 -8.33 11.68 -6.17
C TRP A 386 -8.85 12.95 -5.50
N CYS A 387 -8.84 14.09 -6.19
CA CYS A 387 -9.24 15.34 -5.55
C CYS A 387 -10.71 15.33 -5.17
N GLN A 388 -11.59 15.14 -6.17
CA GLN A 388 -13.02 15.05 -5.86
C GLN A 388 -13.36 13.86 -4.97
N PRO A 389 -12.83 12.65 -5.20
CA PRO A 389 -13.14 11.55 -4.26
C PRO A 389 -12.73 11.85 -2.84
N MET A 390 -11.56 12.45 -2.63
CA MET A 390 -11.14 12.79 -1.27
C MET A 390 -11.99 13.89 -0.67
N ALA A 391 -12.46 14.82 -1.51
CA ALA A 391 -13.39 15.84 -1.01
C ALA A 391 -14.74 15.23 -0.66
N GLN A 392 -15.18 14.24 -1.44
CA GLN A 392 -16.45 13.58 -1.16
C GLN A 392 -16.35 12.72 0.09
N LEU A 393 -15.22 12.01 0.28
CA LEU A 393 -15.05 11.18 1.47
C LEU A 393 -15.00 12.04 2.73
N GLU A 394 -14.37 13.22 2.64
CA GLU A 394 -14.30 14.09 3.81
C GLU A 394 -15.67 14.67 4.15
N ALA A 395 -16.45 15.03 3.13
CA ALA A 395 -17.81 15.52 3.37
C ALA A 395 -18.68 14.41 3.98
N LEU A 396 -18.52 13.18 3.50
CA LEU A 396 -19.20 12.04 4.12
C LEU A 396 -18.72 11.82 5.55
N TRP A 397 -17.42 11.97 5.78
CA TRP A 397 -16.88 11.82 7.13
C TRP A 397 -17.39 12.93 8.05
N LYS A 398 -17.52 14.15 7.53
CA LYS A 398 -18.01 15.24 8.35
C LYS A 398 -19.44 14.99 8.82
N LYS A 399 -20.27 14.43 7.95
CA LYS A 399 -21.61 14.04 8.36
C LYS A 399 -21.58 13.00 9.47
N MET A 400 -20.58 12.11 9.45
CA MET A 400 -20.45 11.11 10.50
C MET A 400 -19.99 11.72 11.81
N GLU A 401 -19.27 12.84 11.74
CA GLU A 401 -18.99 13.61 12.96
C GLU A 401 -20.28 14.11 13.59
N GLY A 402 -21.19 14.63 12.76
CA GLY A 402 -22.50 15.00 13.26
C GLY A 402 -23.30 13.80 13.75
N VAL A 403 -23.05 12.62 13.18
CA VAL A 403 -23.70 11.41 13.66
C VAL A 403 -23.21 11.07 15.06
N THR A 404 -21.89 11.16 15.28
CA THR A 404 -21.35 10.89 16.61
C THR A 404 -21.87 11.89 17.64
N ASN A 405 -21.95 13.17 17.25
CA ASN A 405 -22.55 14.17 18.12
C ASN A 405 -24.00 13.83 18.42
N ALA A 406 -24.71 13.27 17.45
CA ALA A 406 -26.11 12.90 17.66
C ALA A 406 -26.23 11.73 18.64
N VAL A 407 -25.30 10.77 18.57
CA VAL A 407 -25.32 9.66 19.51
C VAL A 407 -24.99 10.15 20.92
N LEU A 408 -23.99 11.02 21.05
CA LEU A 408 -23.65 11.58 22.35
C LEU A 408 -24.78 12.45 22.88
N HIS A 409 -25.53 13.10 21.99
CA HIS A 409 -26.70 13.86 22.43
C HIS A 409 -27.77 12.96 23.01
N GLU A 410 -27.88 11.73 22.50
CA GLU A 410 -28.93 10.82 22.95
C GLU A 410 -28.60 10.21 24.31
N VAL A 411 -27.33 9.88 24.56
CA VAL A 411 -26.94 9.35 25.85
C VAL A 411 -27.02 10.41 26.94
N LYS A 412 -27.06 11.69 26.56
CA LYS A 412 -27.23 12.80 27.48
C LYS A 412 -28.69 13.17 27.69
N ARG A 413 -29.62 12.34 27.24
CA ARG A 413 -31.05 12.64 27.34
C ARG A 413 -31.64 11.98 28.57
N GLU A 414 -32.63 12.64 29.16
CA GLU A 414 -33.14 12.26 30.47
C GLU A 414 -34.09 11.07 30.40
N GLY A 415 -34.96 11.03 29.40
CA GLY A 415 -35.93 9.96 29.24
C GLY A 415 -35.39 8.63 28.79
N LEU A 416 -34.08 8.44 28.78
CA LEU A 416 -33.48 7.19 28.31
C LEU A 416 -33.23 6.26 29.48
N PRO A 417 -33.83 5.06 29.51
CA PRO A 417 -33.54 4.11 30.59
C PRO A 417 -32.09 3.62 30.52
N VAL A 418 -31.50 3.38 31.69
CA VAL A 418 -30.06 3.15 31.79
C VAL A 418 -29.63 1.90 31.02
N GLU A 419 -30.50 0.87 30.95
CA GLU A 419 -30.11 -0.35 30.25
C GLU A 419 -30.19 -0.18 28.74
N GLN A 420 -30.89 0.83 28.24
CA GLN A 420 -30.71 1.24 26.85
C GLN A 420 -29.49 2.15 26.69
N ARG A 421 -29.20 2.97 27.69
CA ARG A 421 -28.03 3.83 27.63
C ARG A 421 -26.74 3.02 27.64
N ASN A 422 -26.67 2.00 28.49
CA ASN A 422 -25.48 1.14 28.52
C ASN A 422 -25.41 0.24 27.30
N GLU A 423 -26.55 -0.11 26.71
CA GLU A 423 -26.55 -0.79 25.42
C GLU A 423 -25.81 0.02 24.37
N ILE A 424 -25.99 1.34 24.40
CA ILE A 424 -25.36 2.20 23.41
C ILE A 424 -23.86 2.34 23.69
N LEU A 425 -23.50 2.52 24.96
CA LEU A 425 -22.08 2.73 25.30
C LEU A 425 -21.25 1.49 25.00
N THR A 426 -21.78 0.31 25.34
CA THR A 426 -21.08 -0.94 25.04
C THR A 426 -20.86 -1.13 23.54
N ALA A 427 -21.66 -0.45 22.70
CA ALA A 427 -21.54 -0.61 21.26
C ALA A 427 -20.59 0.38 20.61
N ILE A 428 -20.34 1.53 21.23
CA ILE A 428 -19.64 2.62 20.56
C ILE A 428 -18.31 2.98 21.23
N LEU A 429 -17.99 2.43 22.40
CA LEU A 429 -16.81 2.91 23.09
C LEU A 429 -15.51 2.33 22.54
N ALA A 430 -15.54 1.10 22.03
CA ALA A 430 -14.35 0.55 21.39
C ALA A 430 -13.98 1.34 20.15
N SER A 431 -14.97 1.87 19.44
CA SER A 431 -14.68 2.70 18.26
C SER A 431 -14.17 4.07 18.67
N LEU A 432 -14.78 4.68 19.69
CA LEU A 432 -14.32 5.99 20.14
C LEU A 432 -12.96 5.92 20.81
N THR A 433 -12.65 4.80 21.47
CA THR A 433 -11.32 4.61 22.03
C THR A 433 -10.27 4.59 20.93
N ALA A 434 -10.47 3.75 19.91
CA ALA A 434 -9.53 3.67 18.81
C ALA A 434 -9.45 4.99 18.06
N ARG A 435 -10.55 5.75 18.02
CA ARG A 435 -10.54 7.00 17.28
C ARG A 435 -9.57 8.01 17.87
N GLN A 436 -9.49 8.08 19.20
CA GLN A 436 -8.61 9.06 19.82
C GLN A 436 -7.17 8.55 19.90
N ASN A 437 -7.00 7.24 20.14
CA ASN A 437 -5.66 6.66 20.09
C ASN A 437 -5.03 6.82 18.72
N LEU A 438 -5.80 6.55 17.66
CA LEU A 438 -5.26 6.70 16.31
C LEU A 438 -5.10 8.16 15.92
N ARG A 439 -5.96 9.04 16.44
CA ARG A 439 -5.87 10.45 16.08
C ARG A 439 -4.58 11.08 16.58
N ARG A 440 -4.08 10.67 17.75
CA ARG A 440 -2.84 11.22 18.24
C ARG A 440 -1.63 10.53 17.63
N GLU A 441 -1.75 9.25 17.30
CA GLU A 441 -0.67 8.59 16.54
C GLU A 441 -0.46 9.27 15.21
N TRP A 442 -1.54 9.68 14.54
CA TRP A 442 -1.42 10.33 13.24
C TRP A 442 -0.87 11.74 13.35
N HIS A 443 -1.36 12.52 14.31
CA HIS A 443 -0.87 13.89 14.45
C HIS A 443 0.55 13.92 14.99
N ALA A 444 0.93 12.92 15.79
CA ALA A 444 2.31 12.82 16.23
C ALA A 444 3.25 12.54 15.07
N ARG A 445 2.84 11.63 14.17
CA ARG A 445 3.65 11.37 12.98
C ARG A 445 3.69 12.58 12.06
N CYS A 446 2.63 13.38 12.02
CA CYS A 446 2.66 14.61 11.23
C CYS A 446 3.59 15.65 11.85
N GLN A 447 3.82 15.57 13.16
CA GLN A 447 4.69 16.52 13.83
C GLN A 447 5.88 15.82 14.47
N SER A 448 6.62 15.07 13.67
CA SER A 448 7.87 14.45 14.10
C SER A 448 9.04 15.11 13.38
N ARG A 449 10.23 14.95 13.95
CA ARG A 449 11.42 15.59 13.40
C ARG A 449 11.66 15.19 11.96
N ILE A 450 11.58 13.87 11.68
CA ILE A 450 11.88 13.41 10.33
C ILE A 450 10.78 13.83 9.36
N ALA A 451 9.56 14.04 9.85
CA ALA A 451 8.51 14.60 9.01
C ALA A 451 8.85 16.02 8.57
N ARG A 452 9.56 16.78 9.42
CA ARG A 452 10.00 18.12 9.03
C ARG A 452 10.98 18.07 7.87
N THR A 453 11.88 17.09 7.90
CA THR A 453 12.98 17.04 6.95
C THR A 453 12.51 16.87 5.51
N LEU A 454 11.25 16.51 5.30
CA LEU A 454 10.75 16.27 3.96
C LEU A 454 10.55 17.60 3.23
N PRO A 455 10.63 17.60 1.90
CA PRO A 455 10.36 18.83 1.14
C PRO A 455 8.94 19.34 1.37
N ALA A 456 8.72 20.56 0.87
CA ALA A 456 7.52 21.30 1.21
C ALA A 456 6.25 20.66 0.65
N ASP A 457 6.30 20.19 -0.59
CA ASP A 457 5.12 19.67 -1.26
C ASP A 457 4.93 18.16 -1.04
N GLN A 458 5.51 17.61 0.03
CA GLN A 458 5.14 16.28 0.48
C GLN A 458 5.09 16.20 2.00
N LYS A 459 5.15 17.33 2.70
CA LYS A 459 5.07 17.34 4.16
C LYS A 459 3.73 16.77 4.61
N PRO A 460 3.73 15.90 5.62
CA PRO A 460 2.48 15.30 6.07
C PRO A 460 1.51 16.35 6.62
N GLU A 461 0.28 16.31 6.13
CA GLU A 461 -0.80 17.15 6.65
C GLU A 461 -1.72 16.28 7.48
N CYS A 462 -2.08 16.78 8.67
CA CYS A 462 -2.96 16.04 9.58
C CYS A 462 -4.44 16.27 9.26
N ARG A 463 -4.79 16.34 7.98
CA ARG A 463 -6.15 16.58 7.56
C ARG A 463 -7.01 15.33 7.78
N PRO A 464 -8.23 15.51 8.31
CA PRO A 464 -8.81 16.78 8.78
C PRO A 464 -8.41 17.15 10.21
N TYR A 465 -8.12 18.43 10.42
CA TYR A 465 -7.71 18.94 11.72
C TYR A 465 -8.41 20.27 11.99
N TRP A 466 -8.81 20.47 13.24
CA TRP A 466 -9.51 21.68 13.64
C TRP A 466 -9.29 21.91 15.13
N GLU A 467 -9.39 23.16 15.55
CA GLU A 467 -9.13 23.55 16.92
C GLU A 467 -10.42 23.51 17.74
N LYS A 468 -10.30 23.71 19.06
CA LYS A 468 -11.47 23.92 19.88
C LYS A 468 -12.12 25.26 19.58
N ASP A 469 -11.37 26.20 18.98
CA ASP A 469 -11.94 27.45 18.52
C ASP A 469 -12.93 27.25 17.39
N ASP A 470 -12.74 26.21 16.57
CA ASP A 470 -13.54 26.03 15.37
C ASP A 470 -14.99 25.74 15.70
N ALA A 471 -15.90 26.48 15.05
CA ALA A 471 -17.33 26.35 15.30
C ALA A 471 -18.04 25.46 14.29
N SER A 472 -17.49 25.30 13.09
CA SER A 472 -18.14 24.51 12.06
C SER A 472 -18.18 23.02 12.38
N MET A 473 -17.33 22.56 13.31
CA MET A 473 -17.29 21.14 13.64
C MET A 473 -18.05 20.89 14.92
N PRO A 474 -18.95 19.90 14.95
CA PRO A 474 -19.76 19.68 16.15
C PRO A 474 -19.00 19.09 17.33
N LEU A 475 -17.89 18.41 17.09
CA LEU A 475 -17.12 17.73 18.12
C LEU A 475 -15.67 18.17 18.06
N PRO A 476 -14.94 18.05 19.16
CA PRO A 476 -13.52 18.37 19.15
C PRO A 476 -12.67 17.24 18.59
N PHE A 477 -11.44 17.58 18.24
CA PHE A 477 -10.48 16.57 17.80
C PHE A 477 -10.08 15.66 18.94
N ASP A 478 -9.69 16.25 20.07
CA ASP A 478 -9.35 15.49 21.27
C ASP A 478 -10.65 15.00 21.93
N LEU A 479 -10.77 13.68 22.07
CA LEU A 479 -11.96 13.07 22.63
C LEU A 479 -11.74 12.50 24.03
N THR A 480 -10.59 12.79 24.63
CA THR A 480 -10.25 12.18 25.91
C THR A 480 -11.27 12.51 26.98
N ASP A 481 -11.72 13.77 27.04
CA ASP A 481 -12.76 14.14 27.98
C ASP A 481 -14.05 13.40 27.69
N ILE A 482 -14.38 13.23 26.41
CA ILE A 482 -15.63 12.58 26.04
C ILE A 482 -15.56 11.07 26.32
N VAL A 483 -14.44 10.44 25.99
CA VAL A 483 -14.36 8.98 26.15
C VAL A 483 -14.25 8.62 27.62
N SER A 484 -13.46 9.37 28.40
CA SER A 484 -13.39 9.11 29.83
C SER A 484 -14.73 9.35 30.51
N GLU A 485 -15.52 10.28 29.97
CA GLU A 485 -16.85 10.54 30.51
C GLU A 485 -17.77 9.33 30.36
N LEU A 486 -17.66 8.63 29.23
CA LEU A 486 -18.56 7.52 28.95
C LEU A 486 -18.22 6.27 29.75
N ARG A 487 -17.01 6.18 30.29
CA ARG A 487 -16.67 5.11 31.22
C ARG A 487 -17.03 5.48 32.66
N GLY A 488 -16.80 6.74 33.04
CA GLY A 488 -17.38 7.25 34.26
C GLY A 488 -18.90 7.25 34.25
N GLN A 489 -19.51 7.05 33.08
CA GLN A 489 -20.95 6.94 32.96
C GLN A 489 -21.46 5.53 33.25
N LEU A 490 -20.69 4.49 32.91
CA LEU A 490 -20.97 3.16 33.43
C LEU A 490 -20.14 2.85 34.68
N LEU A 491 -19.79 3.88 35.46
CA LEU A 491 -19.63 3.58 36.88
C LEU A 491 -20.96 3.75 37.59
N GLU A 492 -21.63 4.89 37.36
CA GLU A 492 -22.97 5.15 37.84
C GLU A 492 -24.01 4.62 36.86
#